data_6IN3
#
_entry.id   6IN3
#
_cell.length_a   145.092
_cell.length_b   145.092
_cell.length_c   56.478
_cell.angle_alpha   90.00
_cell.angle_beta   90.00
_cell.angle_gamma   120.00
#
_symmetry.space_group_name_H-M   'P 65'
#
loop_
_entity.id
_entity.type
_entity.pdbx_description
1 polymer 'Histone-lysine N-methyltransferase, H3 lysine-79 specific'
2 non-polymer 1,4,7,10,13,16-HEXAOXACYCLOOCTADECANE
3 non-polymer S-ADENOSYL-L-HOMOCYSTEINE
4 non-polymer 'SULFATE ION'
5 water water
#
_entity_poly.entity_id   1
_entity_poly.type   'polypeptide(L)'
_entity_poly.pdbx_seq_one_letter_code
;MKLELRLKSPVGAEPAVYPWPLPVYDKHHDAAHEIIETIRWVCEEIPDLKLAMENYVLIDYDTKSFESMQRLCDKYNRAI
DSIHQLWKGTTQPMKLNTRPSTGLLRHILQQVYNHSVTDPEKLNNYEPFSPEVYGETSFDLVAQMIDEIKMTDDDLFVDL
GSGVGQVVLQVAAATNCKHHYGVEKADIPAKYAETMDREFRKWMKWYGKKHAEYTLERGDFLSEEWRERIANTSVIFVNN
FAFGPEVDHQLKERFANMKEGGRIVSSKPFAPLNFRINSRNLSDIGTIMRVVELSPLKGSVSWTGKPVSYYLHTIDRTIL
ENYFSSLKLEHHHHHH
;
_entity_poly.pdbx_strand_id   A
#
loop_
_chem_comp.id
_chem_comp.type
_chem_comp.name
_chem_comp.formula
O4B non-polymer 1,4,7,10,13,16-HEXAOXACYCLOOCTADECANE 'C12 H24 O6'
SO4 non-polymer 'SULFATE ION' 'O4 S -2'
#
# COMPACT_ATOMS: atom_id res chain seq x y z
N LEU A 3 -26.88 -17.06 10.74
CA LEU A 3 -25.62 -17.47 11.38
C LEU A 3 -24.46 -16.57 10.98
N GLU A 4 -24.00 -15.73 11.92
CA GLU A 4 -22.98 -14.73 11.64
C GLU A 4 -22.13 -14.49 12.87
N LEU A 5 -20.97 -13.89 12.65
CA LEU A 5 -20.16 -13.26 13.68
C LEU A 5 -20.12 -11.77 13.37
N ARG A 6 -20.24 -10.94 14.40
CA ARG A 6 -20.23 -9.50 14.23
C ARG A 6 -19.17 -8.90 15.15
N LEU A 7 -18.44 -7.91 14.64
CA LEU A 7 -17.46 -7.17 15.42
C LEU A 7 -17.84 -5.68 15.36
N LYS A 8 -18.21 -5.12 16.51
CA LYS A 8 -18.52 -3.70 16.58
C LYS A 8 -17.27 -2.86 16.30
N SER A 9 -17.47 -1.74 15.64
CA SER A 9 -16.37 -0.84 15.33
C SER A 9 -16.02 -0.02 16.57
N PRO A 10 -14.74 0.16 16.85
CA PRO A 10 -14.37 1.03 17.98
C PRO A 10 -14.85 2.46 17.82
N VAL A 11 -14.97 2.97 16.59
CA VAL A 11 -15.39 4.35 16.35
C VAL A 11 -16.87 4.47 16.01
N GLY A 12 -17.63 3.39 16.04
CA GLY A 12 -19.04 3.49 15.76
C GLY A 12 -19.40 3.44 14.30
N ALA A 13 -18.50 2.97 13.44
CA ALA A 13 -18.87 2.72 12.06
C ALA A 13 -19.75 1.49 12.00
N GLU A 14 -20.18 1.14 10.79
CA GLU A 14 -20.98 -0.07 10.60
C GLU A 14 -20.19 -1.27 11.11
N PRO A 15 -20.82 -2.21 11.79
CA PRO A 15 -20.08 -3.36 12.31
C PRO A 15 -19.58 -4.24 11.17
N ALA A 16 -18.43 -4.87 11.39
CA ALA A 16 -17.92 -5.88 10.48
C ALA A 16 -18.64 -7.19 10.75
N VAL A 17 -19.28 -7.75 9.74
CA VAL A 17 -20.07 -8.97 9.90
C VAL A 17 -19.43 -10.07 9.05
N TYR A 18 -19.24 -11.25 9.65
CA TYR A 18 -18.70 -12.37 8.92
C TYR A 18 -19.75 -13.47 8.90
N PRO A 19 -19.90 -14.17 7.78
CA PRO A 19 -20.78 -15.34 7.76
C PRO A 19 -20.10 -16.54 8.39
N TRP A 20 -20.91 -17.49 8.85
CA TRP A 20 -20.34 -18.74 9.31
C TRP A 20 -20.91 -19.88 8.46
N PRO A 21 -20.05 -20.88 8.13
CA PRO A 21 -18.62 -20.96 8.44
C PRO A 21 -17.79 -19.85 7.80
N LEU A 22 -16.61 -19.60 8.37
CA LEU A 22 -15.72 -18.57 7.88
C LEU A 22 -14.94 -19.07 6.67
N PRO A 23 -14.58 -18.17 5.76
CA PRO A 23 -13.84 -18.59 4.57
C PRO A 23 -12.43 -19.07 4.88
N VAL A 24 -11.95 -19.95 4.01
CA VAL A 24 -10.57 -20.43 4.02
C VAL A 24 -9.77 -19.52 3.10
N TYR A 25 -8.64 -19.03 3.59
CA TYR A 25 -7.77 -18.17 2.79
C TYR A 25 -6.66 -18.95 2.10
N ASP A 26 -5.76 -19.54 2.88
CA ASP A 26 -4.69 -20.38 2.36
C ASP A 26 -4.19 -21.27 3.50
N LYS A 27 -3.09 -22.00 3.23
CA LYS A 27 -2.49 -22.85 4.26
C LYS A 27 -2.21 -22.07 5.55
N HIS A 28 -1.74 -20.83 5.41
CA HIS A 28 -1.19 -20.08 6.53
C HIS A 28 -2.16 -19.08 7.17
N HIS A 29 -3.36 -18.89 6.62
CA HIS A 29 -4.24 -17.84 7.12
C HIS A 29 -5.68 -18.30 7.03
N ASP A 30 -6.47 -18.05 8.07
CA ASP A 30 -7.91 -18.19 7.93
C ASP A 30 -8.60 -16.99 8.59
N ALA A 31 -9.92 -16.93 8.44
CA ALA A 31 -10.67 -15.75 8.87
C ALA A 31 -10.87 -15.73 10.38
N ALA A 32 -10.86 -16.90 11.04
CA ALA A 32 -11.00 -16.91 12.49
C ALA A 32 -9.81 -16.26 13.16
N HIS A 33 -8.60 -16.52 12.64
CA HIS A 33 -7.42 -15.89 13.21
CA HIS A 33 -7.38 -15.92 13.16
C HIS A 33 -7.30 -14.43 12.80
N GLU A 34 -7.78 -14.07 11.60
CA GLU A 34 -7.91 -12.66 11.26
C GLU A 34 -8.83 -11.95 12.27
N ILE A 35 -9.90 -12.62 12.69
CA ILE A 35 -10.82 -12.03 13.65
C ILE A 35 -10.12 -11.81 14.99
N ILE A 36 -9.38 -12.83 15.44
CA ILE A 36 -8.63 -12.72 16.70
C ILE A 36 -7.60 -11.61 16.61
N GLU A 37 -6.87 -11.55 15.50
CA GLU A 37 -5.86 -10.51 15.32
C GLU A 37 -6.48 -9.12 15.24
N THR A 38 -7.65 -9.02 14.61
CA THR A 38 -8.37 -7.74 14.59
C THR A 38 -8.69 -7.29 16.01
N ILE A 39 -9.20 -8.22 16.83
CA ILE A 39 -9.51 -7.89 18.21
C ILE A 39 -8.26 -7.46 18.97
N ARG A 40 -7.17 -8.22 18.81
CA ARG A 40 -5.90 -7.83 19.42
C ARG A 40 -5.45 -6.46 18.96
N TRP A 41 -5.58 -6.16 17.66
CA TRP A 41 -5.13 -4.87 17.16
C TRP A 41 -5.97 -3.70 17.69
N VAL A 42 -7.29 -3.88 17.77
CA VAL A 42 -8.13 -2.83 18.35
C VAL A 42 -7.75 -2.62 19.81
N CYS A 43 -7.39 -3.70 20.51
CA CYS A 43 -6.95 -3.54 21.89
C CYS A 43 -5.65 -2.73 21.96
N GLU A 44 -4.76 -2.91 20.98
CA GLU A 44 -3.60 -2.02 20.85
C GLU A 44 -4.02 -0.59 20.54
N GLU A 45 -5.05 -0.44 19.71
CA GLU A 45 -5.50 0.88 19.32
C GLU A 45 -6.06 1.65 20.51
N ILE A 46 -6.69 0.95 21.46
CA ILE A 46 -7.41 1.58 22.57
C ILE A 46 -6.96 0.98 23.90
N PRO A 47 -6.00 1.60 24.59
CA PRO A 47 -5.52 1.06 25.87
C PRO A 47 -6.62 0.67 26.84
N ASP A 48 -7.68 1.48 26.96
CA ASP A 48 -8.77 1.14 27.87
C ASP A 48 -9.42 -0.19 27.52
N LEU A 49 -9.45 -0.53 26.23
CA LEU A 49 -10.04 -1.81 25.83
C LEU A 49 -9.27 -2.99 26.41
N LYS A 50 -7.96 -2.84 26.60
CA LYS A 50 -7.15 -3.89 27.23
C LYS A 50 -7.59 -4.15 28.65
N LEU A 51 -7.82 -3.07 29.43
CA LEU A 51 -8.33 -3.23 30.79
C LEU A 51 -9.60 -4.06 30.82
N ALA A 52 -10.50 -3.83 29.85
CA ALA A 52 -11.72 -4.63 29.80
C ALA A 52 -11.44 -6.05 29.32
N MET A 53 -10.51 -6.20 28.37
CA MET A 53 -10.24 -7.50 27.76
C MET A 53 -9.12 -8.30 28.43
N GLU A 54 -8.38 -7.72 29.37
CA GLU A 54 -7.15 -8.36 29.85
C GLU A 54 -7.39 -9.69 30.55
N ASN A 55 -8.61 -9.94 31.04
CA ASN A 55 -8.89 -11.18 31.75
C ASN A 55 -8.96 -12.39 30.83
N TYR A 56 -9.40 -12.19 29.59
CA TYR A 56 -9.59 -13.31 28.67
C TYR A 56 -8.29 -13.68 27.98
N VAL A 57 -8.04 -14.98 27.90
CA VAL A 57 -6.88 -15.50 27.17
C VAL A 57 -7.34 -15.81 25.75
N LEU A 58 -6.80 -15.07 24.78
CA LEU A 58 -7.30 -15.18 23.41
C LEU A 58 -6.93 -16.51 22.77
N ILE A 59 -5.70 -16.98 23.00
CA ILE A 59 -5.23 -18.20 22.37
C ILE A 59 -5.97 -19.45 22.83
N ASP A 60 -6.79 -19.35 23.89
CA ASP A 60 -7.46 -20.50 24.48
C ASP A 60 -8.81 -20.84 23.84
N TYR A 61 -9.35 -19.97 22.99
CA TYR A 61 -10.62 -20.26 22.34
C TYR A 61 -10.44 -21.34 21.27
N ASP A 62 -11.55 -21.74 20.66
CA ASP A 62 -11.56 -22.80 19.64
C ASP A 62 -11.97 -22.18 18.31
N THR A 63 -11.03 -22.13 17.37
CA THR A 63 -11.32 -21.50 16.09
C THR A 63 -12.34 -22.28 15.26
N LYS A 64 -12.47 -23.59 15.50
CA LYS A 64 -13.37 -24.42 14.72
C LYS A 64 -14.81 -24.41 15.24
N SER A 65 -15.06 -23.88 16.44
CA SER A 65 -16.38 -23.90 17.04
C SER A 65 -17.07 -22.55 16.85
N PHE A 66 -18.34 -22.58 16.42
CA PHE A 66 -19.08 -21.34 16.26
C PHE A 66 -19.43 -20.73 17.60
N GLU A 67 -19.90 -21.55 18.54
CA GLU A 67 -20.25 -21.03 19.85
C GLU A 67 -19.03 -20.43 20.55
N SER A 68 -17.85 -21.05 20.37
CA SER A 68 -16.65 -20.55 21.00
C SER A 68 -16.24 -19.20 20.40
N MET A 69 -16.27 -19.09 19.07
CA MET A 69 -15.91 -17.83 18.42
C MET A 69 -16.96 -16.75 18.68
N GLN A 70 -18.23 -17.13 18.80
CA GLN A 70 -19.28 -16.16 19.08
C GLN A 70 -19.14 -15.59 20.49
N ARG A 71 -18.71 -16.41 21.44
CA ARG A 71 -18.41 -15.90 22.78
C ARG A 71 -17.27 -14.90 22.75
N LEU A 72 -16.22 -15.21 21.97
CA LEU A 72 -15.09 -14.28 21.84
C LEU A 72 -15.55 -12.95 21.25
N CYS A 73 -16.34 -12.99 20.18
CA CYS A 73 -16.84 -11.76 19.59
C CYS A 73 -17.74 -11.00 20.55
N ASP A 74 -18.53 -11.72 21.35
CA ASP A 74 -19.41 -11.03 22.28
C ASP A 74 -18.62 -10.38 23.43
N LYS A 75 -17.57 -11.05 23.91
CA LYS A 75 -16.70 -10.44 24.90
C LYS A 75 -16.09 -9.15 24.38
N TYR A 76 -15.63 -9.17 23.12
CA TYR A 76 -15.07 -7.96 22.52
C TYR A 76 -16.12 -6.87 22.39
N ASN A 77 -17.32 -7.24 21.90
CA ASN A 77 -18.37 -6.24 21.69
C ASN A 77 -18.83 -5.63 23.00
N ARG A 78 -18.92 -6.43 24.07
CA ARG A 78 -19.28 -5.88 25.37
C ARG A 78 -18.20 -4.95 25.89
N ALA A 79 -16.92 -5.29 25.66
CA ALA A 79 -15.84 -4.38 26.04
C ALA A 79 -15.92 -3.07 25.26
N ILE A 80 -16.27 -3.14 23.98
CA ILE A 80 -16.45 -1.94 23.17
C ILE A 80 -17.57 -1.06 23.74
N ASP A 81 -18.69 -1.69 24.10
CA ASP A 81 -19.78 -0.95 24.74
C ASP A 81 -19.32 -0.28 26.01
N SER A 82 -18.57 -1.00 26.84
CA SER A 82 -18.11 -0.46 28.11
C SER A 82 -17.19 0.73 27.88
N ILE A 83 -16.24 0.60 26.95
CA ILE A 83 -15.37 1.71 26.60
C ILE A 83 -16.18 2.89 26.07
N HIS A 84 -17.21 2.61 25.27
CA HIS A 84 -18.05 3.69 24.73
C HIS A 84 -18.79 4.43 25.84
N GLN A 85 -19.19 3.72 26.91
CA GLN A 85 -19.82 4.40 28.04
C GLN A 85 -18.80 5.25 28.79
N LEU A 86 -17.58 4.73 28.94
CA LEU A 86 -16.50 5.49 29.55
C LEU A 86 -16.28 6.81 28.82
N TRP A 87 -16.32 6.78 27.48
CA TRP A 87 -16.16 8.00 26.69
C TRP A 87 -17.34 8.95 26.88
N LYS A 88 -18.57 8.42 27.00
CA LYS A 88 -19.73 9.28 27.26
C LYS A 88 -19.57 10.05 28.56
N GLY A 89 -18.80 9.50 29.50
CA GLY A 89 -18.50 10.19 30.74
C GLY A 89 -17.33 11.13 30.60
N THR A 90 -16.61 11.33 31.71
CA THR A 90 -15.53 12.32 31.74
C THR A 90 -14.44 12.01 30.71
N THR A 91 -14.25 10.74 30.37
CA THR A 91 -13.13 10.35 29.52
C THR A 91 -13.27 10.92 28.11
N GLN A 92 -12.10 11.09 27.44
CA GLN A 92 -12.01 11.62 26.08
C GLN A 92 -11.94 10.49 25.08
N PRO A 93 -12.74 10.53 24.02
CA PRO A 93 -12.72 9.45 23.02
C PRO A 93 -11.39 9.42 22.27
N MET A 94 -11.16 8.28 21.60
CA MET A 94 -9.99 8.14 20.74
C MET A 94 -9.98 9.24 19.68
N LYS A 95 -8.80 9.81 19.45
CA LYS A 95 -8.67 10.84 18.43
C LYS A 95 -8.80 10.19 17.05
N LEU A 96 -9.74 10.71 16.25
CA LEU A 96 -9.88 10.30 14.87
C LEU A 96 -8.75 10.92 14.04
N ASN A 97 -8.77 10.67 12.74
CA ASN A 97 -7.83 11.23 11.78
C ASN A 97 -6.41 10.69 11.92
N THR A 98 -6.13 9.82 12.90
CA THR A 98 -4.79 9.29 13.05
C THR A 98 -4.46 8.28 11.96
N ARG A 99 -3.18 8.24 11.58
CA ARG A 99 -2.75 7.19 10.68
C ARG A 99 -2.55 5.90 11.47
N PRO A 100 -2.67 4.75 10.83
CA PRO A 100 -2.44 3.49 11.54
C PRO A 100 -0.96 3.28 11.80
N SER A 101 -0.65 2.62 12.91
CA SER A 101 0.73 2.21 13.12
C SER A 101 1.09 1.15 12.09
N THR A 102 2.40 1.00 11.87
CA THR A 102 2.86 0.09 10.83
C THR A 102 2.36 -1.34 11.06
N GLY A 103 2.44 -1.83 12.30
CA GLY A 103 1.92 -3.16 12.59
C GLY A 103 0.43 -3.28 12.30
N LEU A 104 -0.37 -2.30 12.71
CA LEU A 104 -1.78 -2.32 12.36
C LEU A 104 -1.98 -2.26 10.85
N LEU A 105 -1.22 -1.40 10.17
CA LEU A 105 -1.38 -1.27 8.72
C LEU A 105 -1.06 -2.56 8.00
N ARG A 106 -0.04 -3.29 8.49
CA ARG A 106 0.25 -4.59 7.92
C ARG A 106 -0.93 -5.54 8.06
N HIS A 107 -1.58 -5.51 9.22
CA HIS A 107 -2.75 -6.35 9.44
C HIS A 107 -3.91 -5.91 8.56
N ILE A 108 -4.16 -4.60 8.47
CA ILE A 108 -5.26 -4.10 7.64
C ILE A 108 -5.09 -4.52 6.18
N LEU A 109 -3.88 -4.37 5.64
CA LEU A 109 -3.66 -4.70 4.22
C LEU A 109 -3.78 -6.20 3.97
N GLN A 110 -3.33 -7.03 4.91
CA GLN A 110 -3.52 -8.46 4.78
C GLN A 110 -5.00 -8.81 4.80
N GLN A 111 -5.76 -8.13 5.66
CA GLN A 111 -7.20 -8.32 5.76
C GLN A 111 -7.88 -7.88 4.47
N VAL A 112 -7.52 -6.70 3.98
CA VAL A 112 -8.06 -6.22 2.70
C VAL A 112 -7.73 -7.20 1.58
N TYR A 113 -6.48 -7.68 1.55
CA TYR A 113 -6.06 -8.60 0.50
C TYR A 113 -6.84 -9.90 0.54
N ASN A 114 -6.94 -10.52 1.72
CA ASN A 114 -7.60 -11.82 1.83
C ASN A 114 -9.10 -11.73 1.51
N HIS A 115 -9.74 -10.60 1.81
CA HIS A 115 -11.15 -10.44 1.45
C HIS A 115 -11.31 -10.10 -0.02
N SER A 116 -10.29 -9.51 -0.64
CA SER A 116 -10.36 -9.00 -2.00
C SER A 116 -9.92 -10.03 -3.06
N VAL A 117 -8.70 -10.54 -2.95
CA VAL A 117 -8.19 -11.42 -3.98
C VAL A 117 -8.61 -12.83 -3.55
N THR A 118 -9.64 -13.35 -4.22
CA THR A 118 -10.25 -14.61 -3.83
C THR A 118 -9.48 -15.81 -4.35
N ASP A 119 -8.97 -15.69 -5.59
CA ASP A 119 -8.17 -16.72 -6.23
C ASP A 119 -6.82 -16.08 -6.56
N PRO A 120 -5.88 -16.09 -5.63
CA PRO A 120 -4.58 -15.46 -5.91
C PRO A 120 -3.83 -16.11 -7.05
N GLU A 121 -4.20 -17.34 -7.42
CA GLU A 121 -3.51 -18.03 -8.49
C GLU A 121 -3.83 -17.47 -9.87
N LYS A 122 -4.95 -16.76 -10.02
CA LYS A 122 -5.21 -16.09 -11.29
C LYS A 122 -4.16 -15.02 -11.60
N LEU A 123 -3.51 -14.46 -10.57
CA LEU A 123 -2.48 -13.46 -10.81
C LEU A 123 -1.27 -14.01 -11.54
N ASN A 124 -1.11 -15.34 -11.57
CA ASN A 124 0.01 -16.02 -12.21
C ASN A 124 -0.25 -16.36 -13.67
N ASN A 125 -1.37 -15.91 -14.21
CA ASN A 125 -1.84 -16.28 -15.55
C ASN A 125 -1.31 -15.39 -16.66
N TYR A 126 -0.35 -14.51 -16.36
CA TYR A 126 0.22 -13.55 -17.29
C TYR A 126 0.99 -14.24 -18.42
N GLU A 127 1.19 -13.49 -19.52
CA GLU A 127 2.11 -13.87 -20.58
C GLU A 127 3.56 -13.79 -20.07
N PRO A 128 4.33 -14.87 -20.15
CA PRO A 128 5.73 -14.80 -19.73
C PRO A 128 6.55 -13.93 -20.68
N PHE A 129 7.63 -13.35 -20.14
CA PHE A 129 8.59 -12.59 -20.95
C PHE A 129 7.91 -11.41 -21.63
N SER A 130 7.02 -10.76 -20.90
CA SER A 130 6.28 -9.58 -21.34
C SER A 130 6.14 -8.65 -20.14
N PRO A 131 5.82 -7.37 -20.36
CA PRO A 131 5.58 -6.46 -19.22
C PRO A 131 4.43 -6.90 -18.29
N GLU A 132 3.60 -7.86 -18.70
CA GLU A 132 2.52 -8.23 -17.81
C GLU A 132 2.94 -9.26 -16.74
N VAL A 133 4.20 -9.69 -16.71
CA VAL A 133 4.65 -10.58 -15.64
C VAL A 133 4.35 -9.95 -14.29
N TYR A 134 3.67 -10.70 -13.44
CA TYR A 134 3.17 -10.17 -12.18
C TYR A 134 4.08 -10.56 -11.03
N GLY A 135 4.46 -9.59 -10.21
CA GLY A 135 5.04 -9.88 -8.92
C GLY A 135 4.74 -8.75 -7.97
N GLU A 136 4.69 -9.08 -6.68
CA GLU A 136 4.22 -8.15 -5.66
C GLU A 136 5.40 -7.62 -4.86
N THR A 137 5.48 -6.30 -4.74
CA THR A 137 6.42 -5.70 -3.81
C THR A 137 5.90 -5.94 -2.40
N SER A 138 6.79 -6.39 -1.51
CA SER A 138 6.38 -6.74 -0.16
C SER A 138 6.03 -5.50 0.65
N PHE A 139 5.21 -5.71 1.69
CA PHE A 139 4.92 -4.66 2.66
C PHE A 139 6.20 -4.06 3.25
N ASP A 140 7.21 -4.89 3.52
CA ASP A 140 8.42 -4.40 4.15
C ASP A 140 9.20 -3.47 3.25
N LEU A 141 9.32 -3.82 1.97
CA LEU A 141 10.01 -2.93 1.04
C LEU A 141 9.32 -1.58 0.94
N VAL A 142 7.99 -1.60 0.79
CA VAL A 142 7.22 -0.36 0.74
C VAL A 142 7.40 0.44 2.03
N ALA A 143 7.38 -0.24 3.18
CA ALA A 143 7.58 0.46 4.45
C ALA A 143 8.97 1.07 4.53
N GLN A 144 9.99 0.33 4.04
CA GLN A 144 11.34 0.89 4.01
C GLN A 144 11.42 2.10 3.10
N MET A 145 10.73 2.06 1.95
CA MET A 145 10.69 3.22 1.07
C MET A 145 10.02 4.40 1.74
N ILE A 146 8.86 4.18 2.37
CA ILE A 146 8.20 5.26 3.11
C ILE A 146 9.13 5.84 4.17
N ASP A 147 9.96 5.00 4.79
CA ASP A 147 10.88 5.51 5.81
C ASP A 147 12.06 6.26 5.20
N GLU A 148 12.46 5.91 3.98
CA GLU A 148 13.69 6.49 3.42
C GLU A 148 13.49 7.75 2.59
N ILE A 149 12.28 8.10 2.19
CA ILE A 149 12.09 9.28 1.34
C ILE A 149 11.01 10.17 1.94
N LYS A 150 11.24 11.46 1.90
CA LYS A 150 10.29 12.43 2.42
C LYS A 150 9.13 12.58 1.44
N MET A 151 7.91 12.65 1.98
CA MET A 151 6.72 12.92 1.19
C MET A 151 5.84 13.88 1.98
N THR A 152 5.30 14.89 1.28
CA THR A 152 4.48 15.92 1.91
C THR A 152 3.20 16.10 1.10
N ASP A 153 2.36 17.02 1.57
CA ASP A 153 1.13 17.37 0.87
C ASP A 153 1.38 18.03 -0.48
N ASP A 154 2.63 18.36 -0.82
CA ASP A 154 2.96 18.86 -2.13
C ASP A 154 3.26 17.75 -3.13
N ASP A 155 3.25 16.50 -2.70
CA ASP A 155 3.69 15.39 -3.54
C ASP A 155 2.49 14.67 -4.14
N LEU A 156 2.66 14.19 -5.37
CA LEU A 156 1.74 13.30 -6.04
C LEU A 156 2.46 11.98 -6.28
N PHE A 157 1.87 10.88 -5.79
CA PHE A 157 2.47 9.56 -5.87
C PHE A 157 1.73 8.72 -6.90
N VAL A 158 2.48 8.02 -7.76
CA VAL A 158 1.91 7.10 -8.74
C VAL A 158 2.67 5.79 -8.70
N ASP A 159 1.94 4.68 -8.58
CA ASP A 159 2.48 3.36 -8.85
C ASP A 159 2.11 3.01 -10.29
N LEU A 160 3.12 2.89 -11.16
CA LEU A 160 2.92 2.55 -12.56
C LEU A 160 2.92 1.04 -12.70
N GLY A 161 1.79 0.48 -13.15
CA GLY A 161 1.60 -0.96 -13.06
C GLY A 161 1.29 -1.46 -11.67
N SER A 162 0.22 -0.88 -11.09
CA SER A 162 -0.13 -1.01 -9.68
C SER A 162 -0.69 -2.38 -9.29
N GLY A 163 -0.93 -3.29 -10.25
CA GLY A 163 -1.40 -4.61 -9.88
C GLY A 163 -2.76 -4.57 -9.20
N VAL A 164 -2.87 -5.24 -8.03
CA VAL A 164 -4.09 -5.17 -7.23
C VAL A 164 -4.16 -3.93 -6.35
N GLY A 165 -3.13 -3.08 -6.39
CA GLY A 165 -3.20 -1.76 -5.81
C GLY A 165 -2.67 -1.62 -4.40
N GLN A 166 -2.02 -2.65 -3.84
CA GLN A 166 -1.68 -2.62 -2.42
C GLN A 166 -0.49 -1.72 -2.09
N VAL A 167 0.37 -1.39 -3.06
CA VAL A 167 1.38 -0.38 -2.79
C VAL A 167 0.72 0.99 -2.59
N VAL A 168 -0.26 1.32 -3.44
CA VAL A 168 -0.96 2.59 -3.33
C VAL A 168 -1.65 2.70 -1.98
N LEU A 169 -2.34 1.64 -1.55
CA LEU A 169 -3.06 1.70 -0.29
C LEU A 169 -2.11 1.95 0.87
N GLN A 170 -0.98 1.24 0.89
CA GLN A 170 -0.02 1.39 1.98
C GLN A 170 0.51 2.81 2.03
N VAL A 171 0.90 3.37 0.88
CA VAL A 171 1.45 4.72 0.87
C VAL A 171 0.38 5.74 1.22
N ALA A 172 -0.84 5.53 0.74
CA ALA A 172 -1.95 6.45 1.05
C ALA A 172 -2.26 6.43 2.54
N ALA A 173 -2.15 5.25 3.18
CA ALA A 173 -2.39 5.19 4.61
C ALA A 173 -1.26 5.85 5.40
N ALA A 174 -0.03 5.74 4.91
CA ALA A 174 1.13 6.17 5.68
C ALA A 174 1.59 7.61 5.44
N THR A 175 1.14 8.28 4.38
CA THR A 175 1.78 9.55 3.99
C THR A 175 0.75 10.63 3.74
N ASN A 176 1.27 11.86 3.61
CA ASN A 176 0.51 13.08 3.43
C ASN A 176 0.35 13.53 1.98
N CYS A 177 0.77 12.73 0.99
CA CYS A 177 0.74 13.17 -0.41
C CYS A 177 -0.66 13.68 -0.76
N LYS A 178 -0.71 14.73 -1.57
CA LYS A 178 -1.98 15.31 -1.98
C LYS A 178 -2.89 14.28 -2.63
N HIS A 179 -2.32 13.42 -3.49
CA HIS A 179 -3.10 12.35 -4.09
C HIS A 179 -2.18 11.18 -4.40
N HIS A 180 -2.74 9.98 -4.33
CA HIS A 180 -2.02 8.76 -4.69
C HIS A 180 -2.79 8.07 -5.80
N TYR A 181 -2.07 7.55 -6.79
CA TYR A 181 -2.70 6.87 -7.89
C TYR A 181 -1.99 5.57 -8.17
N GLY A 182 -2.73 4.68 -8.80
CA GLY A 182 -2.08 3.57 -9.46
C GLY A 182 -2.87 3.25 -10.71
N VAL A 183 -2.18 2.66 -11.66
CA VAL A 183 -2.74 2.41 -12.98
C VAL A 183 -2.28 1.01 -13.38
N GLU A 184 -3.22 0.18 -13.79
CA GLU A 184 -2.97 -1.21 -14.11
C GLU A 184 -3.69 -1.55 -15.41
N LYS A 185 -2.94 -2.13 -16.34
CA LYS A 185 -3.45 -2.47 -17.67
C LYS A 185 -4.21 -3.80 -17.66
N ALA A 186 -3.72 -4.79 -16.93
CA ALA A 186 -4.22 -6.16 -17.08
C ALA A 186 -5.54 -6.35 -16.35
N ASP A 187 -6.43 -7.12 -16.98
CA ASP A 187 -7.82 -7.19 -16.51
C ASP A 187 -7.92 -7.84 -15.13
N ILE A 188 -7.18 -8.91 -14.88
CA ILE A 188 -7.28 -9.66 -13.63
C ILE A 188 -6.84 -8.84 -12.41
N PRO A 189 -5.64 -8.25 -12.39
CA PRO A 189 -5.30 -7.41 -11.22
C PRO A 189 -6.17 -6.17 -11.11
N ALA A 190 -6.54 -5.56 -12.23
CA ALA A 190 -7.37 -4.35 -12.20
C ALA A 190 -8.75 -4.64 -11.63
N LYS A 191 -9.31 -5.82 -11.93
CA LYS A 191 -10.60 -6.18 -11.36
C LYS A 191 -10.49 -6.37 -9.85
N TYR A 192 -9.49 -7.13 -9.41
CA TYR A 192 -9.27 -7.30 -7.98
C TYR A 192 -9.06 -5.95 -7.29
N ALA A 193 -8.37 -5.02 -7.95
CA ALA A 193 -8.09 -3.73 -7.33
C ALA A 193 -9.37 -2.95 -7.02
N GLU A 194 -10.44 -3.20 -7.77
CA GLU A 194 -11.71 -2.56 -7.45
C GLU A 194 -12.25 -3.05 -6.11
N THR A 195 -12.11 -4.35 -5.84
CA THR A 195 -12.53 -4.87 -4.54
C THR A 195 -11.58 -4.40 -3.44
N MET A 196 -10.27 -4.37 -3.73
CA MET A 196 -9.29 -3.88 -2.76
C MET A 196 -9.63 -2.45 -2.34
N ASP A 197 -9.94 -1.60 -3.31
CA ASP A 197 -10.30 -0.21 -3.03
C ASP A 197 -11.50 -0.13 -2.09
N ARG A 198 -12.54 -0.90 -2.38
CA ARG A 198 -13.76 -0.90 -1.58
C ARG A 198 -13.48 -1.41 -0.16
N GLU A 199 -12.78 -2.55 -0.06
CA GLU A 199 -12.50 -3.16 1.23
C GLU A 199 -11.63 -2.26 2.10
N PHE A 200 -10.69 -1.56 1.47
CA PHE A 200 -9.78 -0.70 2.23
C PHE A 200 -10.51 0.46 2.87
N ARG A 201 -11.36 1.14 2.11
CA ARG A 201 -12.11 2.26 2.67
C ARG A 201 -13.03 1.78 3.80
N LYS A 202 -13.66 0.62 3.64
CA LYS A 202 -14.53 0.07 4.67
C LYS A 202 -13.75 -0.26 5.93
N TRP A 203 -12.63 -0.98 5.79
CA TRP A 203 -11.86 -1.38 6.96
C TRP A 203 -11.24 -0.19 7.66
N MET A 204 -10.70 0.78 6.91
CA MET A 204 -10.10 1.94 7.54
C MET A 204 -11.15 2.73 8.32
N LYS A 205 -12.36 2.86 7.78
CA LYS A 205 -13.45 3.49 8.52
C LYS A 205 -13.79 2.69 9.78
N TRP A 206 -13.79 1.36 9.67
CA TRP A 206 -14.14 0.51 10.81
C TRP A 206 -13.12 0.68 11.93
N TYR A 207 -11.83 0.77 11.60
CA TYR A 207 -10.81 1.03 12.61
C TYR A 207 -10.80 2.49 13.06
N GLY A 208 -11.39 3.39 12.28
CA GLY A 208 -11.26 4.81 12.61
C GLY A 208 -9.92 5.40 12.24
N LYS A 209 -9.29 4.92 11.17
CA LYS A 209 -7.99 5.41 10.74
C LYS A 209 -8.13 6.19 9.44
N LYS A 210 -7.23 7.14 9.27
CA LYS A 210 -7.27 8.07 8.15
C LYS A 210 -6.29 7.60 7.08
N HIS A 211 -6.65 7.85 5.82
CA HIS A 211 -5.73 7.72 4.70
C HIS A 211 -5.83 8.99 3.86
N ALA A 212 -4.76 9.28 3.11
CA ALA A 212 -4.82 10.36 2.15
C ALA A 212 -5.67 9.93 0.96
N GLU A 213 -5.92 10.84 0.04
CA GLU A 213 -6.79 10.52 -1.09
C GLU A 213 -6.03 9.68 -2.09
N TYR A 214 -6.73 8.73 -2.72
CA TYR A 214 -6.11 7.84 -3.67
C TYR A 214 -7.14 7.38 -4.69
N THR A 215 -6.64 6.98 -5.85
CA THR A 215 -7.47 6.44 -6.92
C THR A 215 -6.74 5.26 -7.55
N LEU A 216 -7.44 4.16 -7.72
CA LEU A 216 -6.94 3.02 -8.48
C LEU A 216 -7.67 2.99 -9.81
N GLU A 217 -6.93 3.07 -10.91
CA GLU A 217 -7.50 3.16 -12.24
C GLU A 217 -7.01 2.00 -13.10
N ARG A 218 -7.88 1.57 -14.01
CA ARG A 218 -7.47 0.70 -15.11
C ARG A 218 -6.98 1.60 -16.24
N GLY A 219 -5.82 1.28 -16.79
CA GLY A 219 -5.29 2.08 -17.88
C GLY A 219 -3.92 1.61 -18.28
N ASP A 220 -3.38 2.28 -19.29
CA ASP A 220 -2.08 1.98 -19.85
C ASP A 220 -1.19 3.19 -19.62
N PHE A 221 -0.13 3.01 -18.82
CA PHE A 221 0.70 4.15 -18.44
C PHE A 221 1.55 4.67 -19.60
N LEU A 222 1.54 4.00 -20.76
CA LEU A 222 2.22 4.47 -21.95
C LEU A 222 1.32 5.29 -22.86
N SER A 223 0.06 5.48 -22.51
CA SER A 223 -0.88 6.21 -23.33
C SER A 223 -0.54 7.69 -23.37
N GLU A 224 -1.08 8.37 -24.38
CA GLU A 224 -0.85 9.80 -24.54
C GLU A 224 -1.32 10.58 -23.33
N GLU A 225 -2.44 10.17 -22.73
CA GLU A 225 -2.92 10.83 -21.52
C GLU A 225 -1.93 10.68 -20.36
N TRP A 226 -1.29 9.51 -20.25
CA TRP A 226 -0.38 9.28 -19.13
C TRP A 226 0.97 9.96 -19.31
N ARG A 227 1.31 10.40 -20.52
CA ARG A 227 2.56 11.13 -20.71
C ARG A 227 2.57 12.42 -19.88
N GLU A 228 1.49 13.19 -19.98
CA GLU A 228 1.39 14.44 -19.21
C GLU A 228 1.25 14.16 -17.72
N ARG A 229 0.54 13.10 -17.35
CA ARG A 229 0.36 12.80 -15.94
C ARG A 229 1.68 12.39 -15.28
N ILE A 230 2.48 11.58 -15.97
CA ILE A 230 3.82 11.27 -15.45
C ILE A 230 4.64 12.55 -15.28
N ALA A 231 4.59 13.43 -16.29
CA ALA A 231 5.33 14.69 -16.24
C ALA A 231 4.99 15.49 -14.98
N ASN A 232 3.74 15.41 -14.52
CA ASN A 232 3.27 16.17 -13.38
C ASN A 232 3.35 15.42 -12.06
N THR A 233 3.95 14.22 -12.04
CA THR A 233 4.05 13.41 -10.82
C THR A 233 5.39 13.67 -10.14
N SER A 234 5.34 13.89 -8.81
CA SER A 234 6.58 14.08 -8.04
C SER A 234 7.25 12.79 -7.60
N VAL A 235 6.48 11.74 -7.28
CA VAL A 235 7.06 10.48 -6.81
C VAL A 235 6.46 9.32 -7.59
N ILE A 236 7.30 8.63 -8.35
CA ILE A 236 6.89 7.47 -9.13
C ILE A 236 7.48 6.23 -8.48
N PHE A 237 6.61 5.26 -8.23
CA PHE A 237 7.02 3.91 -7.88
C PHE A 237 6.68 3.01 -9.07
N VAL A 238 7.66 2.24 -9.53
CA VAL A 238 7.41 1.30 -10.61
C VAL A 238 8.22 0.03 -10.38
N ASN A 239 7.57 -1.12 -10.37
CA ASN A 239 8.32 -2.35 -10.26
C ASN A 239 8.45 -2.80 -11.71
N ASN A 240 9.60 -2.47 -12.29
CA ASN A 240 9.93 -2.67 -13.69
C ASN A 240 10.76 -3.92 -13.91
N PHE A 241 10.94 -4.73 -12.87
CA PHE A 241 11.86 -5.86 -12.93
C PHE A 241 11.68 -6.69 -14.20
N ALA A 242 10.43 -6.92 -14.62
CA ALA A 242 10.13 -7.69 -15.82
C ALA A 242 9.78 -6.85 -17.06
N PHE A 243 9.82 -5.52 -16.99
CA PHE A 243 9.31 -4.73 -18.11
C PHE A 243 10.13 -4.94 -19.38
N GLY A 244 11.45 -4.96 -19.25
CA GLY A 244 12.29 -5.14 -20.41
C GLY A 244 12.71 -3.82 -21.06
N PRO A 245 13.64 -3.91 -22.02
CA PRO A 245 14.30 -2.70 -22.55
C PRO A 245 13.38 -1.74 -23.28
N GLU A 246 12.44 -2.24 -24.06
CA GLU A 246 11.61 -1.34 -24.84
C GLU A 246 10.69 -0.50 -23.95
N VAL A 247 10.05 -1.16 -22.98
CA VAL A 247 9.17 -0.42 -22.06
C VAL A 247 9.99 0.50 -21.16
N ASP A 248 11.13 0.02 -20.64
CA ASP A 248 12.01 0.89 -19.86
C ASP A 248 12.47 2.10 -20.69
N HIS A 249 12.68 1.90 -21.99
CA HIS A 249 13.08 3.02 -22.83
C HIS A 249 11.93 4.01 -23.00
N GLN A 250 10.72 3.51 -23.21
CA GLN A 250 9.54 4.37 -23.25
C GLN A 250 9.37 5.13 -21.93
N LEU A 251 9.64 4.46 -20.80
CA LEU A 251 9.50 5.12 -19.50
C LEU A 251 10.53 6.22 -19.33
N LYS A 252 11.77 6.01 -19.80
CA LYS A 252 12.77 7.06 -19.73
C LYS A 252 12.32 8.32 -20.45
N GLU A 253 11.66 8.15 -21.61
CA GLU A 253 11.15 9.31 -22.33
C GLU A 253 10.11 10.06 -21.52
N ARG A 254 9.23 9.34 -20.84
CA ARG A 254 8.25 10.01 -19.99
C ARG A 254 8.92 10.72 -18.82
N PHE A 255 9.85 10.01 -18.14
CA PHE A 255 10.51 10.59 -16.97
C PHE A 255 11.27 11.87 -17.33
N ALA A 256 11.75 11.98 -18.57
CA ALA A 256 12.52 13.14 -19.01
C ALA A 256 11.71 14.42 -19.06
N ASN A 257 10.39 14.34 -18.89
CA ASN A 257 9.55 15.53 -18.76
C ASN A 257 9.26 15.90 -17.32
N MET A 258 9.75 15.12 -16.36
CA MET A 258 9.47 15.41 -14.96
C MET A 258 10.22 16.67 -14.51
N LYS A 259 9.70 17.29 -13.46
CA LYS A 259 10.28 18.49 -12.88
C LYS A 259 11.53 18.14 -12.06
N GLU A 260 12.37 19.17 -11.86
CA GLU A 260 13.54 19.01 -10.99
C GLU A 260 13.11 18.50 -9.63
N GLY A 261 13.88 17.55 -9.10
CA GLY A 261 13.57 16.95 -7.83
C GLY A 261 12.51 15.86 -7.87
N GLY A 262 11.92 15.60 -9.04
CA GLY A 262 11.05 14.44 -9.16
C GLY A 262 11.81 13.16 -8.85
N ARG A 263 11.09 12.16 -8.34
CA ARG A 263 11.74 10.96 -7.84
C ARG A 263 11.09 9.72 -8.44
N ILE A 264 11.93 8.72 -8.73
CA ILE A 264 11.47 7.44 -9.25
C ILE A 264 12.11 6.35 -8.40
N VAL A 265 11.28 5.47 -7.85
CA VAL A 265 11.73 4.30 -7.11
C VAL A 265 11.39 3.09 -7.95
N SER A 266 12.39 2.30 -8.31
CA SER A 266 12.16 1.15 -9.19
C SER A 266 12.94 -0.05 -8.68
N SER A 267 12.55 -1.23 -9.16
CA SER A 267 13.29 -2.45 -8.87
C SER A 267 14.42 -2.70 -9.84
N LYS A 268 14.44 -2.04 -10.99
CA LYS A 268 15.59 -2.13 -11.87
C LYS A 268 15.96 -0.70 -12.21
N PRO A 269 17.24 -0.36 -12.19
CA PRO A 269 17.63 1.04 -12.39
C PRO A 269 17.43 1.47 -13.83
N PHE A 270 17.05 2.74 -14.00
CA PHE A 270 16.94 3.34 -15.30
C PHE A 270 18.24 3.99 -15.78
N ALA A 271 19.22 4.14 -14.90
CA ALA A 271 20.53 4.68 -15.27
C ALA A 271 21.57 4.03 -14.37
N PRO A 272 22.82 3.92 -14.83
CA PRO A 272 23.87 3.32 -13.98
C PRO A 272 24.12 4.15 -12.74
N LEU A 273 24.49 3.46 -11.65
CA LEU A 273 24.79 4.16 -10.40
C LEU A 273 26.06 4.98 -10.50
N ASN A 274 27.01 4.56 -11.33
CA ASN A 274 28.33 5.17 -11.44
C ASN A 274 28.43 6.19 -12.57
N PHE A 275 27.32 6.52 -13.23
CA PHE A 275 27.34 7.20 -14.51
C PHE A 275 28.21 8.45 -14.47
N ARG A 276 29.12 8.55 -15.45
CA ARG A 276 29.98 9.71 -15.62
C ARG A 276 29.64 10.33 -16.98
N ILE A 277 29.18 11.57 -16.96
CA ILE A 277 28.76 12.23 -18.19
C ILE A 277 29.98 12.56 -19.04
N ASN A 278 29.87 12.33 -20.36
CA ASN A 278 30.92 12.65 -21.31
C ASN A 278 30.26 12.93 -22.67
N SER A 279 31.11 13.11 -23.69
CA SER A 279 30.60 13.51 -25.02
C SER A 279 29.76 12.40 -25.67
N ARG A 280 30.02 11.14 -25.34
CA ARG A 280 29.30 10.05 -25.99
C ARG A 280 27.91 9.80 -25.41
N ASN A 281 27.73 10.00 -24.11
CA ASN A 281 26.51 9.61 -23.40
C ASN A 281 25.48 10.73 -23.23
N LEU A 282 25.69 11.89 -23.85
CA LEU A 282 24.90 13.10 -23.56
C LEU A 282 23.40 12.93 -23.72
N SER A 283 22.94 11.93 -24.46
CA SER A 283 21.52 11.68 -24.58
C SER A 283 20.99 10.69 -23.53
N ASP A 284 21.87 10.07 -22.75
CA ASP A 284 21.42 9.12 -21.75
C ASP A 284 20.66 9.82 -20.64
N ILE A 285 19.66 9.11 -20.10
CA ILE A 285 18.87 9.59 -18.98
C ILE A 285 19.73 9.83 -17.75
N GLY A 286 20.88 9.16 -17.66
CA GLY A 286 21.81 9.43 -16.56
C GLY A 286 22.31 10.86 -16.53
N THR A 287 22.15 11.62 -17.62
CA THR A 287 22.56 13.02 -17.60
C THR A 287 21.62 13.87 -16.74
N ILE A 288 20.35 13.49 -16.63
CA ILE A 288 19.36 14.25 -15.86
C ILE A 288 19.00 13.67 -14.48
N MET A 289 19.63 12.58 -14.03
CA MET A 289 19.20 12.02 -12.75
C MET A 289 20.34 11.44 -11.93
N ARG A 290 20.27 11.67 -10.61
CA ARG A 290 21.03 10.91 -9.64
C ARG A 290 20.33 9.59 -9.33
N VAL A 291 21.12 8.55 -9.05
CA VAL A 291 20.60 7.22 -8.77
C VAL A 291 21.34 6.65 -7.56
N VAL A 292 20.60 6.14 -6.59
CA VAL A 292 21.20 5.45 -5.46
C VAL A 292 20.40 4.20 -5.17
N GLU A 293 21.08 3.20 -4.59
CA GLU A 293 20.42 1.99 -4.18
C GLU A 293 19.83 2.19 -2.78
N LEU A 294 18.58 1.81 -2.60
CA LEU A 294 18.00 1.77 -1.27
C LEU A 294 18.55 0.57 -0.48
N SER A 295 18.45 0.64 0.85
CA SER A 295 19.07 -0.35 1.73
C SER A 295 18.63 -1.77 1.39
N PRO A 296 19.56 -2.68 1.04
CA PRO A 296 19.28 -4.06 0.67
C PRO A 296 18.90 -4.95 1.85
N VAL A 308 17.15 -8.52 -2.90
CA VAL A 308 16.10 -7.63 -3.36
C VAL A 308 16.48 -6.17 -3.15
N SER A 309 16.93 -5.51 -4.22
CA SER A 309 17.36 -4.12 -4.16
C SER A 309 16.45 -3.24 -5.01
N TYR A 310 16.08 -2.09 -4.47
CA TYR A 310 15.31 -1.06 -5.16
C TYR A 310 16.15 0.20 -5.25
N TYR A 311 15.79 1.09 -6.17
CA TYR A 311 16.64 2.22 -6.53
C TYR A 311 15.83 3.50 -6.56
N LEU A 312 16.42 4.57 -6.01
CA LEU A 312 15.83 5.90 -5.98
C LEU A 312 16.54 6.76 -7.02
N HIS A 313 15.77 7.30 -7.97
CA HIS A 313 16.27 8.21 -8.98
C HIS A 313 15.72 9.60 -8.68
N THR A 314 16.56 10.62 -8.80
CA THR A 314 16.12 11.99 -8.55
C THR A 314 16.48 12.83 -9.75
N ILE A 315 15.49 13.58 -10.27
CA ILE A 315 15.73 14.34 -11.48
C ILE A 315 16.63 15.51 -11.11
N ASP A 316 17.82 15.54 -11.70
CA ASP A 316 18.75 16.63 -11.48
C ASP A 316 19.35 16.99 -12.84
N ARG A 317 19.02 18.16 -13.37
CA ARG A 317 19.57 18.60 -14.65
C ARG A 317 20.87 19.38 -14.47
N THR A 318 21.23 19.64 -13.21
CA THR A 318 22.53 20.18 -12.82
C THR A 318 23.66 19.36 -13.44
N ILE A 319 23.49 18.05 -13.55
CA ILE A 319 24.51 17.20 -14.15
C ILE A 319 24.76 17.61 -15.59
N LEU A 320 23.70 17.73 -16.38
CA LEU A 320 23.82 18.11 -17.78
C LEU A 320 24.27 19.56 -17.91
N GLU A 321 23.67 20.45 -17.12
CA GLU A 321 24.03 21.87 -17.19
C GLU A 321 25.51 22.08 -16.89
N ASN A 322 26.04 21.38 -15.88
CA ASN A 322 27.45 21.57 -15.52
C ASN A 322 28.39 21.05 -16.61
N TYR A 323 28.01 19.97 -17.29
CA TYR A 323 28.86 19.48 -18.38
C TYR A 323 28.94 20.49 -19.52
N PHE A 324 27.84 21.21 -19.79
CA PHE A 324 27.88 22.19 -20.85
C PHE A 324 28.66 23.44 -20.45
N SER A 325 28.51 23.88 -19.19
CA SER A 325 29.30 25.01 -18.73
C SER A 325 30.78 24.71 -18.77
N SER A 326 31.16 23.46 -18.46
CA SER A 326 32.57 23.08 -18.48
C SER A 326 33.14 23.09 -19.88
N LEU A 327 32.32 22.81 -20.90
CA LEU A 327 32.78 22.86 -22.28
C LEU A 327 33.13 24.27 -22.73
N LYS A 328 32.68 25.29 -22.00
CA LYS A 328 32.93 26.68 -22.38
C LYS A 328 34.08 27.31 -21.59
CAA O4B B . 4.38 3.67 12.59
OAM O4B B . 3.49 4.61 13.19
CAC O4B B . 3.01 5.54 12.19
CAD O4B B . 2.11 6.59 12.85
OAO O4B B . 1.12 5.93 13.65
CAG O4B B . 0.30 6.87 14.37
CAH O4B B . -0.59 6.11 15.35
OAQ O4B B . 0.22 5.41 16.30
CAK O4B B . -0.58 4.63 17.20
CAL O4B B . 0.33 4.01 18.27
OAR O4B B . 1.30 3.17 17.65
CAJ O4B B . 2.14 2.54 18.64
CAI O4B B . 3.04 1.51 17.96
OAP O4B B . 3.92 2.18 17.05
CAF O4B B . 4.59 1.21 16.22
CAE O4B B . 5.76 1.87 15.52
OAN O4B B . 5.32 2.97 14.70
CAB O4B B . 4.66 2.51 13.53
N SAH C . 2.90 -2.41 -8.43
CA SAH C . 2.62 -3.77 -7.99
CB SAH C . 2.57 -4.74 -9.16
CG SAH C . 3.86 -4.86 -9.99
SD SAH C . 3.81 -6.19 -11.21
C SAH C . 3.69 -4.21 -6.98
O SAH C . 4.83 -3.73 -7.06
OXT SAH C . 3.44 -5.03 -6.08
C5' SAH C . 3.87 -5.08 -12.65
C4' SAH C . 2.49 -4.72 -13.18
O4' SAH C . 2.61 -3.72 -14.17
C3' SAH C . 1.76 -5.90 -13.82
O3' SAH C . 0.54 -6.12 -13.13
C2' SAH C . 1.47 -5.44 -15.25
O2' SAH C . 0.18 -5.78 -15.69
C1' SAH C . 1.58 -3.93 -15.12
N9 SAH C . 1.85 -3.26 -16.39
C8 SAH C . 2.79 -3.61 -17.33
N7 SAH C . 2.70 -2.71 -18.34
C5 SAH C . 1.72 -1.81 -18.07
C6 SAH C . 1.24 -0.72 -18.77
N6 SAH C . 1.75 -0.37 -19.96
N1 SAH C . 0.21 0.03 -18.22
C2 SAH C . -0.32 -0.32 -17.00
N3 SAH C . 0.17 -1.42 -16.32
C4 SAH C . 1.18 -2.15 -16.84
S SO4 D . -13.51 7.27 2.02
O1 SO4 D . -12.98 6.62 3.21
O2 SO4 D . -13.76 8.69 2.30
O3 SO4 D . -14.75 6.62 1.60
O4 SO4 D . -12.53 7.17 0.94
S SO4 E . 6.82 5.99 -27.47
O1 SO4 E . 8.08 5.66 -26.82
O2 SO4 E . 6.62 7.44 -27.43
O3 SO4 E . 5.71 5.34 -26.78
O4 SO4 E . 6.86 5.53 -28.85
S SO4 F . -1.48 12.98 -11.85
O1 SO4 F . -0.92 14.08 -12.62
O2 SO4 F . -2.23 13.52 -10.73
O3 SO4 F . -2.39 12.20 -12.68
O4 SO4 F . -0.40 12.11 -11.34
S SO4 G . 17.86 3.32 -24.02
O1 SO4 G . 18.66 4.53 -23.87
O2 SO4 G . 16.59 3.50 -23.32
O3 SO4 G . 17.61 3.05 -25.43
O4 SO4 G . 18.59 2.19 -23.44
S SO4 H . -2.93 -11.39 10.21
O1 SO4 H . -2.73 -12.62 10.97
O2 SO4 H . -2.43 -10.25 10.98
O3 SO4 H . -4.35 -11.21 9.92
O4 SO4 H . -2.18 -11.48 8.96
#